data_7DOW
#
_entry.id   7DOW
#
_cell.length_a   119.075
_cell.length_b   119.075
_cell.length_c   39.692
_cell.angle_alpha   90.000
_cell.angle_beta   90.000
_cell.angle_gamma   120.000
#
_symmetry.space_group_name_H-M   'P 61'
#
loop_
_entity.id
_entity.type
_entity.pdbx_description
1 polymer 'Guanosine deaminase'
2 non-polymer 2-azanyl-7-[(2R,3R,4S,5R)-5-(hydroxymethyl)-3,4-bis(oxidanyl)oxolan-2-yl]-3H-pyrrolo[2,3-d]pyrimidin-4-one
3 non-polymer 'ZINC ION'
4 water water
#
_entity_poly.entity_id   1
_entity_poly.type   'polypeptide(L)'
_entity_poly.pdbx_seq_one_letter_code
;GPHMSDHKFLTQAVEEAYKGVDCGDGGPFGAVIVHNNEVVASCHNMVLKYTDPTAHAEVTAIREACKKLNKIELSECEIY
ASCEPCPMCFGAIHLSRLKRLVYGAKAEAAIAIGFDDFIADALRGTGVYQKSSLEIKKADGNGAAIAEQVFQNTKEKFRL
Y
;
_entity_poly.pdbx_strand_id   A,D
#
# COMPACT_ATOMS: atom_id res chain seq x y z
N SER A 5 -6.06 -9.93 25.86
CA SER A 5 -4.85 -9.29 25.36
C SER A 5 -5.14 -8.36 24.18
N ASP A 6 -6.27 -8.62 23.49
CA ASP A 6 -6.64 -7.80 22.35
C ASP A 6 -6.86 -6.35 22.75
N HIS A 7 -7.50 -6.13 23.91
CA HIS A 7 -7.80 -4.77 24.34
C HIS A 7 -6.54 -3.97 24.63
N LYS A 8 -5.53 -4.61 25.24
CA LYS A 8 -4.29 -3.92 25.55
C LYS A 8 -3.60 -3.40 24.29
N PHE A 9 -3.47 -4.26 23.27
CA PHE A 9 -2.75 -3.86 22.07
C PHE A 9 -3.58 -2.90 21.22
N LEU A 10 -4.90 -3.07 21.19
CA LEU A 10 -5.74 -2.08 20.51
C LEU A 10 -5.62 -0.71 21.16
N THR A 11 -5.62 -0.67 22.50
CA THR A 11 -5.44 0.59 23.20
C THR A 11 -4.06 1.18 22.95
N GLN A 12 -3.03 0.34 22.80
CA GLN A 12 -1.71 0.87 22.45
C GLN A 12 -1.71 1.49 21.05
N ALA A 13 -2.41 0.86 20.11
CA ALA A 13 -2.53 1.46 18.78
C ALA A 13 -3.24 2.80 18.83
N VAL A 14 -4.28 2.90 19.67
CA VAL A 14 -4.99 4.18 19.82
C VAL A 14 -4.09 5.23 20.44
N GLU A 15 -3.30 4.83 21.44
CA GLU A 15 -2.31 5.72 22.05
C GLU A 15 -1.32 6.22 21.00
N GLU A 16 -0.88 5.33 20.11
CA GLU A 16 0.00 5.74 19.02
C GLU A 16 -0.68 6.78 18.14
N ALA A 17 -1.97 6.58 17.85
CA ALA A 17 -2.71 7.58 17.06
C ALA A 17 -2.66 8.96 17.74
N TYR A 18 -2.97 9.00 19.03
CA TYR A 18 -2.97 10.28 19.75
C TYR A 18 -1.59 10.91 19.75
N LYS A 19 -0.56 10.10 20.00
CA LYS A 19 0.83 10.56 19.99
C LYS A 19 1.19 11.21 18.66
N GLY A 20 0.93 10.48 17.57
CA GLY A 20 1.28 10.98 16.25
C GLY A 20 0.58 12.28 15.95
N VAL A 21 -0.70 12.39 16.33
CA VAL A 21 -1.41 13.65 16.13
C VAL A 21 -0.75 14.76 16.95
N ASP A 22 -0.38 14.46 18.19
CA ASP A 22 0.14 15.51 19.06
C ASP A 22 1.48 16.05 18.55
N CYS A 23 2.34 15.19 18.01
CA CYS A 23 3.63 15.68 17.55
C CYS A 23 3.65 16.07 16.08
N GLY A 24 2.50 16.06 15.41
CA GLY A 24 2.43 16.50 14.03
C GLY A 24 2.98 15.52 13.02
N ASP A 25 3.20 14.25 13.41
CA ASP A 25 3.73 13.26 12.48
C ASP A 25 2.73 12.95 11.37
N GLY A 26 1.45 12.95 11.70
CA GLY A 26 0.43 12.59 10.73
C GLY A 26 -0.94 12.58 11.38
N GLY A 27 -1.85 11.84 10.78
CA GLY A 27 -3.22 11.81 11.26
C GLY A 27 -3.40 10.86 12.41
N PRO A 28 -4.62 10.86 12.97
CA PRO A 28 -4.95 10.06 14.17
C PRO A 28 -5.12 8.58 13.90
N PHE A 29 -4.03 7.93 13.55
CA PHE A 29 -4.05 6.50 13.23
C PHE A 29 -2.81 5.83 13.80
N GLY A 30 -3.02 4.67 14.43
CA GLY A 30 -1.91 3.92 14.99
C GLY A 30 -2.04 2.44 14.62
N ALA A 31 -0.92 1.74 14.75
CA ALA A 31 -0.87 0.32 14.46
C ALA A 31 0.22 -0.33 15.29
N VAL A 32 -0.09 -1.49 15.87
CA VAL A 32 0.89 -2.25 16.64
C VAL A 32 0.91 -3.69 16.13
N ILE A 33 2.10 -4.20 15.86
CA ILE A 33 2.29 -5.57 15.40
C ILE A 33 2.95 -6.35 16.53
N VAL A 34 2.34 -7.48 16.88
CA VAL A 34 2.79 -8.29 18.02
C VAL A 34 3.12 -9.70 17.54
N HIS A 35 4.13 -10.30 18.15
CA HIS A 35 4.40 -11.73 18.00
C HIS A 35 3.98 -12.40 19.30
N ASN A 36 2.86 -13.12 19.26
CA ASN A 36 2.22 -13.68 20.44
C ASN A 36 1.87 -12.56 21.41
N ASN A 37 2.62 -12.38 22.49
CA ASN A 37 2.35 -11.27 23.41
C ASN A 37 3.56 -10.34 23.56
N GLU A 38 4.36 -10.21 22.50
CA GLU A 38 5.51 -9.32 22.49
C GLU A 38 5.37 -8.35 21.33
N VAL A 39 5.38 -7.06 21.63
CA VAL A 39 5.21 -6.05 20.58
C VAL A 39 6.44 -6.04 19.67
N VAL A 40 6.20 -6.21 18.38
CA VAL A 40 7.28 -6.20 17.39
C VAL A 40 7.41 -4.80 16.81
N ALA A 41 6.28 -4.10 16.67
CA ALA A 41 6.32 -2.74 16.16
C ALA A 41 5.16 -1.94 16.72
N SER A 42 5.40 -0.65 16.98
CA SER A 42 4.40 0.26 17.51
C SER A 42 4.55 1.58 16.77
N CYS A 43 3.57 1.94 15.95
CA CYS A 43 3.74 3.02 14.99
C CYS A 43 2.46 3.81 14.87
N HIS A 44 2.57 4.97 14.23
CA HIS A 44 1.42 5.79 13.88
C HIS A 44 1.64 6.35 12.48
N ASN A 45 0.64 7.06 11.97
CA ASN A 45 0.72 7.67 10.66
C ASN A 45 1.90 8.64 10.60
N MET A 46 2.74 8.49 9.59
CA MET A 46 3.93 9.34 9.41
C MET A 46 3.90 10.10 8.09
N VAL A 47 2.72 10.30 7.51
CA VAL A 47 2.62 10.90 6.18
C VAL A 47 3.24 12.29 6.18
N LEU A 48 2.93 13.10 7.18
CA LEU A 48 3.45 14.46 7.22
C LEU A 48 4.93 14.49 7.58
N LYS A 49 5.34 13.66 8.55
CA LYS A 49 6.74 13.63 8.96
C LYS A 49 7.65 13.19 7.82
N TYR A 50 7.24 12.17 7.07
CA TYR A 50 8.08 11.58 6.04
C TYR A 50 7.84 12.16 4.65
N THR A 51 6.86 13.05 4.49
CA THR A 51 6.39 13.47 3.17
C THR A 51 6.16 12.25 2.27
N ASP A 52 5.32 11.34 2.77
CA ASP A 52 5.12 10.04 2.15
C ASP A 52 3.66 9.63 2.35
N PRO A 53 2.84 9.75 1.29
CA PRO A 53 1.42 9.36 1.44
C PRO A 53 1.22 7.88 1.70
N THR A 54 2.22 7.04 1.44
CA THR A 54 2.10 5.62 1.74
C THR A 54 2.42 5.29 3.19
N ALA A 55 2.91 6.27 3.96
CA ALA A 55 3.35 6.01 5.33
C ALA A 55 2.19 6.02 6.31
N HIS A 56 1.11 5.32 5.98
CA HIS A 56 0.05 5.09 6.95
C HIS A 56 0.61 4.30 8.14
N ALA A 57 -0.18 4.24 9.21
CA ALA A 57 0.28 3.58 10.43
C ALA A 57 0.56 2.10 10.17
N GLU A 58 -0.33 1.42 9.43
CA GLU A 58 -0.17 -0.01 9.21
C GLU A 58 1.06 -0.30 8.35
N VAL A 59 1.24 0.45 7.26
CA VAL A 59 2.40 0.26 6.39
C VAL A 59 3.68 0.52 7.17
N THR A 60 3.70 1.59 7.98
CA THR A 60 4.88 1.90 8.78
C THR A 60 5.21 0.77 9.74
N ALA A 61 4.18 0.25 10.42
CA ALA A 61 4.39 -0.85 11.36
C ALA A 61 4.89 -2.09 10.64
N ILE A 62 4.37 -2.37 9.44
CA ILE A 62 4.82 -3.53 8.70
C ILE A 62 6.28 -3.40 8.31
N ARG A 63 6.68 -2.22 7.82
CA ARG A 63 8.08 -1.99 7.48
C ARG A 63 8.98 -2.17 8.68
N GLU A 64 8.58 -1.61 9.83
CA GLU A 64 9.43 -1.69 11.01
C GLU A 64 9.49 -3.11 11.56
N ALA A 65 8.37 -3.83 11.55
CA ALA A 65 8.36 -5.21 12.03
C ALA A 65 9.21 -6.11 11.13
N CYS A 66 9.10 -5.91 9.82
CA CYS A 66 9.89 -6.72 8.90
C CYS A 66 11.37 -6.44 9.08
N LYS A 67 11.73 -5.17 9.34
CA LYS A 67 13.12 -4.86 9.66
C LYS A 67 13.55 -5.52 10.96
N LYS A 68 12.70 -5.48 11.98
CA LYS A 68 13.05 -6.04 13.29
C LYS A 68 13.26 -7.55 13.21
N LEU A 69 12.45 -8.24 12.42
CA LEU A 69 12.52 -9.69 12.32
C LEU A 69 13.37 -10.18 11.16
N ASN A 70 13.92 -9.27 10.35
CA ASN A 70 14.85 -9.60 9.28
C ASN A 70 14.20 -10.51 8.22
N LYS A 71 12.94 -10.25 7.90
CA LYS A 71 12.26 -11.05 6.90
C LYS A 71 11.05 -10.28 6.38
N ILE A 72 10.59 -10.67 5.19
CA ILE A 72 9.52 -9.95 4.51
C ILE A 72 8.14 -10.54 4.77
N GLU A 73 8.05 -11.60 5.58
CA GLU A 73 6.77 -12.20 5.92
C GLU A 73 6.60 -12.24 7.44
N LEU A 74 5.39 -11.94 7.90
CA LEU A 74 5.10 -11.90 9.32
C LEU A 74 3.98 -12.88 9.66
N SER A 75 4.12 -14.14 9.19
CA SER A 75 3.05 -15.11 9.32
C SER A 75 2.77 -15.50 10.78
N GLU A 76 3.70 -15.22 11.69
CA GLU A 76 3.52 -15.53 13.10
C GLU A 76 3.04 -14.34 13.92
N CYS A 77 2.80 -13.19 13.28
CA CYS A 77 2.42 -11.97 13.98
C CYS A 77 0.97 -11.60 13.71
N GLU A 78 0.43 -10.76 14.58
CA GLU A 78 -0.88 -10.16 14.41
C GLU A 78 -0.75 -8.64 14.44
N ILE A 79 -1.71 -7.96 13.83
CA ILE A 79 -1.69 -6.50 13.73
C ILE A 79 -2.97 -5.94 14.33
N TYR A 80 -2.81 -4.86 15.12
CA TYR A 80 -3.91 -4.12 15.70
C TYR A 80 -3.88 -2.72 15.11
N ALA A 81 -4.99 -2.30 14.52
CA ALA A 81 -5.12 -0.99 13.88
C ALA A 81 -6.19 -0.19 14.62
N SER A 82 -5.87 1.06 14.95
CA SER A 82 -6.87 1.89 15.64
C SER A 82 -8.10 2.11 14.77
N CYS A 83 -7.93 2.14 13.46
CA CYS A 83 -9.02 2.33 12.52
C CYS A 83 -8.93 1.28 11.42
N GLU A 84 -10.09 0.92 10.87
CA GLU A 84 -10.18 -0.04 9.78
C GLU A 84 -9.16 0.27 8.69
N PRO A 85 -8.26 -0.66 8.37
CA PRO A 85 -7.21 -0.36 7.37
C PRO A 85 -7.79 -0.04 6.00
N CYS A 86 -7.18 0.93 5.34
CA CYS A 86 -7.60 1.36 4.02
C CYS A 86 -7.22 0.29 2.98
N PRO A 87 -7.64 0.45 1.73
CA PRO A 87 -7.29 -0.56 0.71
C PRO A 87 -5.79 -0.75 0.53
N MET A 88 -5.00 0.33 0.57
CA MET A 88 -3.55 0.18 0.47
C MET A 88 -3.00 -0.62 1.65
N CYS A 89 -3.42 -0.26 2.87
CA CYS A 89 -2.92 -0.94 4.05
C CYS A 89 -3.40 -2.38 4.11
N PHE A 90 -4.64 -2.65 3.72
CA PHE A 90 -5.10 -4.03 3.71
C PHE A 90 -4.36 -4.85 2.67
N GLY A 91 -4.02 -4.26 1.53
CA GLY A 91 -3.17 -4.94 0.57
C GLY A 91 -1.79 -5.25 1.15
N ALA A 92 -1.21 -4.28 1.87
CA ALA A 92 0.09 -4.49 2.51
C ALA A 92 0.01 -5.59 3.57
N ILE A 93 -1.09 -5.62 4.33
CA ILE A 93 -1.29 -6.67 5.33
C ILE A 93 -1.38 -8.03 4.66
N HIS A 94 -2.09 -8.11 3.54
CA HIS A 94 -2.13 -9.36 2.78
C HIS A 94 -0.73 -9.78 2.36
N LEU A 95 0.02 -8.85 1.75
CA LEU A 95 1.34 -9.21 1.24
C LEU A 95 2.29 -9.62 2.36
N SER A 96 2.15 -9.03 3.55
CA SER A 96 3.04 -9.34 4.66
C SER A 96 2.74 -10.69 5.29
N ARG A 97 1.60 -11.30 4.96
CA ARG A 97 1.18 -12.60 5.47
C ARG A 97 0.87 -12.57 6.96
N LEU A 98 0.59 -11.40 7.53
CA LEU A 98 0.13 -11.34 8.92
C LEU A 98 -1.08 -12.25 9.09
N LYS A 99 -1.14 -12.94 10.23
CA LYS A 99 -2.12 -14.01 10.40
C LYS A 99 -3.41 -13.55 11.06
N ARG A 100 -3.45 -12.35 11.64
CA ARG A 100 -4.68 -11.85 12.25
C ARG A 100 -4.65 -10.34 12.25
N LEU A 101 -5.81 -9.73 11.99
CA LEU A 101 -6.00 -8.29 12.08
C LEU A 101 -7.13 -8.02 13.05
N VAL A 102 -6.88 -7.14 14.01
CA VAL A 102 -7.90 -6.61 14.91
C VAL A 102 -7.93 -5.11 14.71
N TYR A 103 -9.10 -4.55 14.43
CA TYR A 103 -9.19 -3.11 14.22
C TYR A 103 -10.29 -2.51 15.09
N GLY A 104 -10.08 -1.25 15.48
CA GLY A 104 -10.93 -0.61 16.45
C GLY A 104 -12.17 0.05 15.88
N ALA A 105 -11.98 1.11 15.09
CA ALA A 105 -13.09 1.90 14.57
C ALA A 105 -13.36 1.56 13.11
N LYS A 106 -14.63 1.59 12.74
CA LYS A 106 -14.99 1.45 11.33
C LYS A 106 -14.56 2.68 10.55
N ALA A 107 -14.33 2.49 9.25
CA ALA A 107 -13.85 3.58 8.40
C ALA A 107 -14.80 4.78 8.43
N GLU A 108 -16.09 4.53 8.60
CA GLU A 108 -17.07 5.62 8.62
C GLU A 108 -16.76 6.64 9.70
N ALA A 109 -16.20 6.19 10.84
CA ALA A 109 -15.84 7.12 11.90
C ALA A 109 -14.75 8.08 11.46
N ALA A 110 -13.84 7.63 10.58
CA ALA A 110 -12.80 8.50 10.07
C ALA A 110 -13.33 9.39 8.95
N ILE A 111 -14.20 8.85 8.10
CA ILE A 111 -14.77 9.66 7.03
C ILE A 111 -15.61 10.79 7.60
N ALA A 112 -16.26 10.55 8.75
CA ALA A 112 -17.15 11.55 9.34
C ALA A 112 -16.43 12.80 9.81
N ILE A 113 -15.10 12.84 9.80
CA ILE A 113 -14.38 14.02 10.26
C ILE A 113 -13.41 14.51 9.20
N GLY A 114 -13.64 14.13 7.93
CA GLY A 114 -12.94 14.75 6.82
C GLY A 114 -12.05 13.84 6.00
N PHE A 115 -11.91 12.56 6.31
CA PHE A 115 -11.09 11.68 5.50
C PHE A 115 -11.90 11.10 4.34
N ASP A 116 -11.19 10.64 3.32
CA ASP A 116 -11.84 10.15 2.11
C ASP A 116 -12.63 8.87 2.37
N ASP A 117 -13.72 8.71 1.63
CA ASP A 117 -14.46 7.46 1.58
C ASP A 117 -13.63 6.48 0.76
N PHE A 118 -12.85 5.63 1.45
CA PHE A 118 -11.76 4.86 0.82
C PHE A 118 -11.68 3.52 1.57
N ILE A 119 -12.58 2.60 1.24
CA ILE A 119 -12.81 1.40 2.04
C ILE A 119 -12.38 0.16 1.26
N ALA A 120 -11.79 -0.81 1.97
CA ALA A 120 -11.28 -2.03 1.37
C ALA A 120 -12.40 -3.07 1.25
N ASP A 121 -12.75 -3.42 0.01
CA ASP A 121 -13.76 -4.45 -0.21
C ASP A 121 -13.33 -5.79 0.39
N ALA A 122 -12.05 -6.13 0.26
CA ALA A 122 -11.58 -7.43 0.72
C ALA A 122 -11.71 -7.58 2.24
N LEU A 123 -11.58 -6.48 2.98
CA LEU A 123 -11.78 -6.55 4.43
C LEU A 123 -13.25 -6.82 4.76
N ARG A 124 -14.17 -6.13 4.09
CA ARG A 124 -15.59 -6.25 4.39
C ARG A 124 -16.25 -7.45 3.73
N GLY A 125 -15.52 -8.22 2.92
CA GLY A 125 -16.05 -9.40 2.30
C GLY A 125 -16.80 -9.18 1.00
N THR A 126 -16.60 -8.04 0.34
CA THR A 126 -17.26 -7.74 -0.93
C THR A 126 -16.29 -7.71 -2.09
N GLY A 127 -15.07 -8.21 -1.92
CA GLY A 127 -14.11 -8.22 -3.01
C GLY A 127 -14.39 -9.35 -3.98
N VAL A 128 -14.18 -9.07 -5.26
CA VAL A 128 -14.29 -10.07 -6.32
C VAL A 128 -12.92 -10.56 -6.75
N TYR A 129 -12.01 -9.63 -7.05
CA TYR A 129 -10.68 -9.98 -7.51
C TYR A 129 -9.66 -10.08 -6.37
N GLN A 130 -9.99 -9.56 -5.19
CA GLN A 130 -9.13 -9.66 -4.02
C GLN A 130 -9.89 -10.39 -2.93
N LYS A 131 -9.37 -11.54 -2.52
CA LYS A 131 -9.99 -12.36 -1.49
C LYS A 131 -8.98 -12.59 -0.37
N SER A 132 -9.41 -12.34 0.86
CA SER A 132 -8.56 -12.50 2.03
C SER A 132 -8.98 -13.74 2.81
N SER A 133 -7.98 -14.52 3.24
CA SER A 133 -8.18 -15.60 4.19
C SER A 133 -7.85 -15.19 5.61
N LEU A 134 -7.31 -13.98 5.78
CA LEU A 134 -6.91 -13.45 7.08
C LEU A 134 -8.06 -13.45 8.08
N GLU A 135 -7.77 -13.82 9.32
CA GLU A 135 -8.74 -13.68 10.39
C GLU A 135 -8.86 -12.21 10.77
N ILE A 136 -10.07 -11.67 10.70
CA ILE A 136 -10.32 -10.26 10.94
C ILE A 136 -11.31 -10.13 12.10
N LYS A 137 -10.99 -9.25 13.04
CA LYS A 137 -11.85 -8.98 14.19
C LYS A 137 -12.08 -7.48 14.29
N LYS A 138 -13.35 -7.09 14.21
CA LYS A 138 -13.76 -5.73 14.51
C LYS A 138 -14.02 -5.61 16.01
N ALA A 139 -13.39 -4.63 16.65
CA ALA A 139 -13.52 -4.48 18.09
C ALA A 139 -14.94 -4.10 18.49
N ASP A 140 -15.34 -4.54 19.67
CA ASP A 140 -16.63 -4.20 20.24
C ASP A 140 -16.43 -3.56 21.61
N GLY A 141 -17.54 -3.11 22.21
CA GLY A 141 -17.51 -2.65 23.59
C GLY A 141 -16.55 -1.50 23.82
N ASN A 142 -15.72 -1.66 24.84
CA ASN A 142 -14.83 -0.57 25.26
C ASN A 142 -13.78 -0.26 24.20
N GLY A 143 -13.24 -1.29 23.55
CA GLY A 143 -12.27 -1.06 22.50
C GLY A 143 -12.84 -0.24 21.37
N ALA A 144 -14.05 -0.60 20.91
CA ALA A 144 -14.72 0.17 19.87
C ALA A 144 -14.98 1.59 20.34
N ALA A 145 -15.41 1.76 21.61
CA ALA A 145 -15.67 3.10 22.12
C ALA A 145 -14.41 3.96 22.08
N ILE A 146 -13.29 3.42 22.56
CA ILE A 146 -12.02 4.16 22.56
C ILE A 146 -11.61 4.54 21.14
N ALA A 147 -11.63 3.55 20.24
CA ALA A 147 -11.19 3.80 18.88
C ALA A 147 -12.06 4.83 18.19
N GLU A 148 -13.39 4.73 18.37
CA GLU A 148 -14.28 5.72 17.78
C GLU A 148 -14.09 7.09 18.39
N GLN A 149 -13.79 7.15 19.70
CA GLN A 149 -13.61 8.45 20.35
C GLN A 149 -12.38 9.17 19.83
N VAL A 150 -11.39 8.42 19.36
CA VAL A 150 -10.18 9.03 18.77
C VAL A 150 -10.53 10.19 17.84
N PHE A 151 -11.50 9.99 16.95
CA PHE A 151 -11.76 10.99 15.91
C PHE A 151 -12.51 12.20 16.45
N GLN A 152 -13.35 12.03 17.46
CA GLN A 152 -13.97 13.20 18.09
C GLN A 152 -12.97 13.97 18.93
N ASN A 153 -12.01 13.28 19.55
CA ASN A 153 -11.05 13.97 20.42
C ASN A 153 -9.99 14.73 19.63
N THR A 154 -9.63 14.27 18.44
CA THR A 154 -8.56 14.87 17.67
C THR A 154 -9.05 15.78 16.55
N LYS A 155 -10.33 16.14 16.55
CA LYS A 155 -10.86 16.97 15.47
C LYS A 155 -10.20 18.35 15.47
N GLU A 156 -9.61 18.69 14.33
CA GLU A 156 -8.90 19.97 14.15
C GLU A 156 -7.73 20.10 15.13
N LYS A 157 -7.08 18.98 15.42
CA LYS A 157 -5.77 18.97 16.06
C LYS A 157 -4.68 18.59 15.08
N PHE A 158 -5.00 18.44 13.79
CA PHE A 158 -4.06 17.97 12.80
C PHE A 158 -4.48 18.48 11.43
N ARG A 159 -3.57 18.36 10.47
CA ARG A 159 -3.82 18.76 9.09
C ARG A 159 -4.27 17.54 8.30
N LEU A 160 -5.43 17.66 7.63
CA LEU A 160 -5.98 16.55 6.87
C LEU A 160 -5.12 16.24 5.65
N TYR A 161 -5.14 14.98 5.23
CA TYR A 161 -4.35 14.53 4.08
C TYR A 161 -5.09 13.41 3.36
N SER B 5 4.74 9.70 -26.11
CA SER B 5 5.21 9.81 -24.74
C SER B 5 4.95 8.51 -23.96
N ASP B 6 3.76 7.94 -24.15
CA ASP B 6 3.37 6.75 -23.40
C ASP B 6 4.32 5.59 -23.66
N HIS B 7 4.69 5.38 -24.92
CA HIS B 7 5.57 4.26 -25.27
C HIS B 7 6.93 4.41 -24.61
N LYS B 8 7.48 5.62 -24.60
CA LYS B 8 8.81 5.85 -24.05
C LYS B 8 8.86 5.53 -22.56
N PHE B 9 7.91 6.06 -21.79
CA PHE B 9 7.94 5.87 -20.35
C PHE B 9 7.52 4.46 -19.95
N LEU B 10 6.61 3.83 -20.71
CA LEU B 10 6.31 2.43 -20.46
C LEU B 10 7.55 1.56 -20.69
N THR B 11 8.27 1.80 -21.78
CA THR B 11 9.50 1.03 -22.01
C THR B 11 10.54 1.31 -20.94
N GLN B 12 10.60 2.54 -20.42
CA GLN B 12 11.48 2.80 -19.30
C GLN B 12 11.10 1.98 -18.08
N ALA B 13 9.80 1.86 -17.80
CA ALA B 13 9.35 1.01 -16.69
C ALA B 13 9.73 -0.45 -16.92
N VAL B 14 9.61 -0.93 -18.16
CA VAL B 14 9.97 -2.32 -18.46
C VAL B 14 11.46 -2.54 -18.25
N GLU B 15 12.29 -1.58 -18.70
CA GLU B 15 13.72 -1.69 -18.48
C GLU B 15 14.07 -1.66 -17.01
N GLU B 16 13.32 -0.86 -16.23
CA GLU B 16 13.51 -0.88 -14.78
C GLU B 16 13.23 -2.26 -14.21
N ALA B 17 12.15 -2.89 -14.67
CA ALA B 17 11.82 -4.24 -14.20
C ALA B 17 12.97 -5.20 -14.48
N TYR B 18 13.49 -5.18 -15.71
CA TYR B 18 14.61 -6.05 -16.06
C TYR B 18 15.83 -5.77 -15.19
N LYS B 19 16.17 -4.50 -15.02
CA LYS B 19 17.35 -4.14 -14.22
C LYS B 19 17.21 -4.59 -12.76
N GLY B 20 16.01 -4.38 -12.19
CA GLY B 20 15.80 -4.75 -10.81
C GLY B 20 15.89 -6.25 -10.59
N VAL B 21 15.26 -7.03 -11.47
CA VAL B 21 15.34 -8.47 -11.28
C VAL B 21 16.75 -8.97 -11.57
N ASP B 22 17.50 -8.27 -12.45
CA ASP B 22 18.84 -8.71 -12.77
C ASP B 22 19.79 -8.49 -11.60
N CYS B 23 19.67 -7.37 -10.91
CA CYS B 23 20.56 -7.11 -9.78
C CYS B 23 20.02 -7.63 -8.45
N GLY B 24 18.89 -8.33 -8.46
CA GLY B 24 18.38 -8.98 -7.26
C GLY B 24 17.62 -8.09 -6.30
N ASP B 25 17.27 -6.86 -6.69
CA ASP B 25 16.55 -5.96 -5.80
C ASP B 25 15.15 -6.48 -5.49
N GLY B 26 14.54 -7.20 -6.43
CA GLY B 26 13.20 -7.71 -6.22
C GLY B 26 12.71 -8.39 -7.49
N GLY B 27 11.39 -8.48 -7.62
CA GLY B 27 10.79 -9.09 -8.77
C GLY B 27 10.84 -8.21 -10.00
N PRO B 28 10.43 -8.74 -11.15
CA PRO B 28 10.50 -8.02 -12.43
C PRO B 28 9.36 -7.03 -12.60
N PHE B 29 9.41 -5.95 -11.83
CA PHE B 29 8.39 -4.91 -11.88
C PHE B 29 9.07 -3.55 -11.86
N GLY B 30 8.59 -2.65 -12.72
CA GLY B 30 9.13 -1.30 -12.78
C GLY B 30 8.03 -0.28 -12.75
N ALA B 31 8.40 0.95 -12.44
CA ALA B 31 7.46 2.06 -12.37
C ALA B 31 8.19 3.38 -12.55
N VAL B 32 7.62 4.27 -13.34
CA VAL B 32 8.20 5.58 -13.65
C VAL B 32 7.13 6.64 -13.42
N ILE B 33 7.49 7.69 -12.68
CA ILE B 33 6.59 8.80 -12.40
C ILE B 33 7.10 10.02 -13.16
N VAL B 34 6.21 10.67 -13.91
CA VAL B 34 6.59 11.72 -14.85
C VAL B 34 5.75 12.96 -14.57
N HIS B 35 6.36 14.13 -14.69
CA HIS B 35 5.71 15.42 -14.46
C HIS B 35 5.87 16.27 -15.72
N ASN B 36 4.82 16.30 -16.54
CA ASN B 36 4.81 17.06 -17.79
C ASN B 36 6.05 16.75 -18.64
N ASN B 37 6.26 15.47 -18.90
CA ASN B 37 7.34 14.91 -19.74
C ASN B 37 8.68 14.88 -19.02
N GLU B 38 8.77 15.28 -17.76
CA GLU B 38 10.01 15.21 -16.99
C GLU B 38 9.92 14.05 -16.01
N VAL B 39 10.90 13.15 -16.07
CA VAL B 39 10.91 11.99 -15.18
C VAL B 39 11.23 12.46 -13.76
N VAL B 40 10.33 12.15 -12.82
CA VAL B 40 10.57 12.49 -11.42
C VAL B 40 11.21 11.33 -10.68
N ALA B 41 10.75 10.10 -10.93
CA ALA B 41 11.30 8.92 -10.29
C ALA B 41 11.23 7.76 -11.25
N SER B 42 12.28 6.94 -11.26
CA SER B 42 12.33 5.73 -12.08
C SER B 42 12.84 4.61 -11.17
N CYS B 43 11.94 3.67 -10.84
CA CYS B 43 12.25 2.68 -9.82
C CYS B 43 11.77 1.31 -10.25
N HIS B 44 12.18 0.31 -9.47
CA HIS B 44 11.71 -1.06 -9.63
C HIS B 44 11.42 -1.63 -8.24
N ASN B 45 10.87 -2.85 -8.24
CA ASN B 45 10.57 -3.55 -7.00
C ASN B 45 11.83 -3.73 -6.16
N MET B 46 11.74 -3.33 -4.89
CA MET B 46 12.88 -3.39 -3.97
C MET B 46 12.59 -4.25 -2.74
N VAL B 47 11.64 -5.18 -2.85
CA VAL B 47 11.22 -5.97 -1.70
C VAL B 47 12.40 -6.73 -1.10
N LEU B 48 13.23 -7.32 -1.96
CA LEU B 48 14.36 -8.11 -1.47
C LEU B 48 15.49 -7.23 -0.96
N LYS B 49 15.81 -6.16 -1.68
CA LYS B 49 16.90 -5.28 -1.25
C LYS B 49 16.58 -4.60 0.08
N TYR B 50 15.33 -4.17 0.25
CA TYR B 50 14.93 -3.41 1.43
C TYR B 50 14.39 -4.26 2.56
N THR B 51 14.21 -5.56 2.36
CA THR B 51 13.49 -6.42 3.31
C THR B 51 12.16 -5.77 3.70
N ASP B 52 11.40 -5.41 2.68
CA ASP B 52 10.17 -4.64 2.85
C ASP B 52 9.13 -5.13 1.86
N PRO B 53 8.11 -5.86 2.31
CA PRO B 53 7.09 -6.38 1.38
C PRO B 53 6.23 -5.30 0.76
N THR B 54 6.25 -4.08 1.29
CA THR B 54 5.52 -2.98 0.68
C THR B 54 6.32 -2.25 -0.38
N ALA B 55 7.59 -2.60 -0.56
CA ALA B 55 8.45 -1.87 -1.48
C ALA B 55 8.28 -2.33 -2.92
N HIS B 56 7.02 -2.41 -3.37
CA HIS B 56 6.76 -2.64 -4.78
C HIS B 56 7.28 -1.46 -5.61
N ALA B 57 7.34 -1.65 -6.93
CA ALA B 57 7.87 -0.62 -7.81
C ALA B 57 7.08 0.67 -7.69
N GLU B 58 5.74 0.57 -7.72
CA GLU B 58 4.89 1.75 -7.68
C GLU B 58 5.03 2.49 -6.35
N VAL B 59 5.06 1.74 -5.24
CA VAL B 59 5.19 2.38 -3.93
C VAL B 59 6.54 3.06 -3.80
N THR B 60 7.61 2.39 -4.25
CA THR B 60 8.95 2.99 -4.21
C THR B 60 9.00 4.26 -5.04
N ALA B 61 8.40 4.23 -6.23
CA ALA B 61 8.39 5.43 -7.08
C ALA B 61 7.62 6.56 -6.43
N ILE B 62 6.48 6.25 -5.82
CA ILE B 62 5.70 7.29 -5.15
C ILE B 62 6.50 7.91 -4.02
N ARG B 63 7.14 7.08 -3.19
CA ARG B 63 7.97 7.59 -2.11
C ARG B 63 9.04 8.53 -2.63
N GLU B 64 9.79 8.08 -3.66
CA GLU B 64 10.88 8.90 -4.19
C GLU B 64 10.37 10.21 -4.78
N ALA B 65 9.28 10.15 -5.56
CA ALA B 65 8.76 11.33 -6.23
C ALA B 65 8.25 12.36 -5.23
N CYS B 66 7.53 11.89 -4.20
CA CYS B 66 7.05 12.80 -3.16
C CYS B 66 8.19 13.44 -2.40
N LYS B 67 9.23 12.65 -2.09
CA LYS B 67 10.40 13.22 -1.42
C LYS B 67 11.07 14.28 -2.29
N LYS B 68 11.17 14.03 -3.60
CA LYS B 68 11.81 14.99 -4.49
C LYS B 68 11.01 16.27 -4.62
N LEU B 69 9.69 16.16 -4.76
CA LEU B 69 8.84 17.31 -4.99
C LEU B 69 8.41 18.01 -3.70
N ASN B 70 8.76 17.44 -2.54
CA ASN B 70 8.45 18.03 -1.24
C ASN B 70 6.95 18.22 -1.04
N LYS B 71 6.17 17.23 -1.50
CA LYS B 71 4.72 17.27 -1.33
C LYS B 71 4.20 15.85 -1.28
N ILE B 72 3.08 15.66 -0.57
CA ILE B 72 2.50 14.33 -0.43
C ILE B 72 1.44 14.03 -1.48
N GLU B 73 1.21 14.94 -2.43
CA GLU B 73 0.31 14.68 -3.54
C GLU B 73 1.06 14.88 -4.85
N LEU B 74 0.78 14.01 -5.82
CA LEU B 74 1.40 14.05 -7.14
C LEU B 74 0.35 14.29 -8.22
N SER B 75 -0.57 15.23 -7.95
CA SER B 75 -1.72 15.43 -8.83
C SER B 75 -1.34 15.98 -10.20
N GLU B 76 -0.12 16.48 -10.35
CA GLU B 76 0.37 16.95 -11.65
C GLU B 76 1.19 15.89 -12.37
N CYS B 77 1.33 14.70 -11.78
CA CYS B 77 2.19 13.66 -12.31
C CYS B 77 1.37 12.47 -12.80
N GLU B 78 2.01 11.64 -13.61
CA GLU B 78 1.44 10.39 -14.08
C GLU B 78 2.42 9.27 -13.76
N ILE B 79 1.90 8.05 -13.67
CA ILE B 79 2.72 6.89 -13.32
C ILE B 79 2.59 5.84 -14.41
N TYR B 80 3.73 5.28 -14.80
CA TYR B 80 3.80 4.18 -15.76
C TYR B 80 4.29 2.95 -15.04
N ALA B 81 3.48 1.89 -15.06
CA ALA B 81 3.81 0.63 -14.39
C ALA B 81 4.02 -0.45 -15.44
N SER B 82 5.09 -1.22 -15.32
CA SER B 82 5.30 -2.31 -16.26
C SER B 82 4.20 -3.36 -16.14
N CYS B 83 3.66 -3.56 -14.94
CA CYS B 83 2.60 -4.52 -14.73
C CYS B 83 1.45 -3.86 -13.99
N GLU B 84 0.24 -4.38 -14.21
CA GLU B 84 -0.97 -3.91 -13.55
C GLU B 84 -0.76 -3.82 -12.04
N PRO B 85 -0.97 -2.66 -11.43
CA PRO B 85 -0.72 -2.52 -10.00
C PRO B 85 -1.61 -3.41 -9.15
N CYS B 86 -1.04 -3.94 -8.06
CA CYS B 86 -1.77 -4.78 -7.14
C CYS B 86 -2.69 -3.91 -6.28
N PRO B 87 -3.53 -4.53 -5.43
CA PRO B 87 -4.42 -3.72 -4.58
C PRO B 87 -3.68 -2.74 -3.69
N MET B 88 -2.55 -3.14 -3.08
CA MET B 88 -1.78 -2.21 -2.28
C MET B 88 -1.28 -1.05 -3.12
N CYS B 89 -0.74 -1.35 -4.31
CA CYS B 89 -0.16 -0.30 -5.14
C CYS B 89 -1.24 0.59 -5.74
N PHE B 90 -2.40 0.02 -6.11
CA PHE B 90 -3.48 0.87 -6.59
C PHE B 90 -3.99 1.78 -5.48
N GLY B 91 -4.07 1.26 -4.25
CA GLY B 91 -4.42 2.12 -3.12
C GLY B 91 -3.41 3.23 -2.91
N ALA B 92 -2.12 2.92 -3.04
CA ALA B 92 -1.09 3.94 -2.91
C ALA B 92 -1.20 4.98 -4.01
N ILE B 93 -1.50 4.55 -5.24
CA ILE B 93 -1.69 5.48 -6.35
C ILE B 93 -2.87 6.39 -6.07
N HIS B 94 -3.95 5.83 -5.52
CA HIS B 94 -5.11 6.64 -5.16
C HIS B 94 -4.75 7.68 -4.11
N LEU B 95 -4.08 7.25 -3.03
CA LEU B 95 -3.73 8.17 -1.96
C LEU B 95 -2.77 9.25 -2.42
N SER B 96 -1.89 8.92 -3.37
CA SER B 96 -0.90 9.86 -3.89
C SER B 96 -1.53 10.92 -4.80
N ARG B 97 -2.79 10.74 -5.21
CA ARG B 97 -3.50 11.66 -6.09
C ARG B 97 -2.88 11.76 -7.48
N LEU B 98 -2.07 10.78 -7.87
CA LEU B 98 -1.59 10.73 -9.25
C LEU B 98 -2.77 10.82 -10.20
N LYS B 99 -2.61 11.60 -11.28
CA LYS B 99 -3.76 11.92 -12.12
C LYS B 99 -3.97 10.93 -13.25
N ARG B 100 -2.97 10.12 -13.59
CA ARG B 100 -3.12 9.16 -14.68
C ARG B 100 -2.23 7.96 -14.40
N LEU B 101 -2.72 6.77 -14.78
CA LEU B 101 -1.97 5.53 -14.66
C LEU B 101 -1.96 4.83 -16.00
N VAL B 102 -0.77 4.54 -16.50
CA VAL B 102 -0.57 3.69 -17.68
C VAL B 102 0.18 2.45 -17.22
N TYR B 103 -0.35 1.27 -17.55
CA TYR B 103 0.32 0.02 -17.21
C TYR B 103 0.39 -0.90 -18.42
N GLY B 104 1.45 -1.69 -18.46
CA GLY B 104 1.77 -2.48 -19.64
C GLY B 104 1.10 -3.84 -19.71
N ALA B 105 1.41 -4.71 -18.75
CA ALA B 105 0.93 -6.08 -18.76
C ALA B 105 -0.22 -6.26 -17.79
N LYS B 106 -1.14 -7.16 -18.14
CA LYS B 106 -2.20 -7.54 -17.22
C LYS B 106 -1.65 -8.42 -16.10
N ALA B 107 -2.32 -8.38 -14.95
CA ALA B 107 -1.86 -9.14 -13.79
C ALA B 107 -1.76 -10.63 -14.09
N GLU B 108 -2.59 -11.13 -15.01
CA GLU B 108 -2.54 -12.54 -15.38
C GLU B 108 -1.18 -12.94 -15.92
N ALA B 109 -0.47 -12.02 -16.58
CA ALA B 109 0.86 -12.34 -17.09
C ALA B 109 1.83 -12.65 -15.96
N ALA B 110 1.66 -11.98 -14.81
CA ALA B 110 2.49 -12.28 -13.64
C ALA B 110 2.00 -13.53 -12.93
N ILE B 111 0.68 -13.71 -12.84
CA ILE B 111 0.12 -14.91 -12.25
C ILE B 111 0.60 -16.15 -13.00
N ALA B 112 0.77 -16.04 -14.32
CA ALA B 112 1.12 -17.20 -15.14
C ALA B 112 2.48 -17.79 -14.79
N ILE B 113 3.33 -17.06 -14.08
CA ILE B 113 4.63 -17.58 -13.65
C ILE B 113 4.68 -17.81 -12.15
N GLY B 114 3.53 -17.83 -11.48
CA GLY B 114 3.46 -18.24 -10.09
C GLY B 114 3.18 -17.16 -9.09
N PHE B 115 3.11 -15.90 -9.51
CA PHE B 115 2.83 -14.82 -8.56
C PHE B 115 1.40 -14.96 -8.00
N ASP B 116 1.19 -14.32 -6.86
CA ASP B 116 -0.08 -14.42 -6.16
C ASP B 116 -1.24 -13.93 -7.01
N ASP B 117 -2.39 -14.58 -6.85
CA ASP B 117 -3.64 -14.17 -7.50
C ASP B 117 -4.23 -13.03 -6.67
N PHE B 118 -3.76 -11.82 -6.95
CA PHE B 118 -3.91 -10.67 -6.04
C PHE B 118 -4.16 -9.43 -6.90
N ILE B 119 -5.43 -9.18 -7.22
CA ILE B 119 -5.81 -8.20 -8.23
C ILE B 119 -6.70 -7.13 -7.60
N ALA B 120 -6.52 -5.89 -8.03
CA ALA B 120 -7.21 -4.74 -7.45
C ALA B 120 -8.61 -4.61 -8.03
N ASP B 121 -9.63 -4.77 -7.18
CA ASP B 121 -11.01 -4.60 -7.61
C ASP B 121 -11.25 -3.18 -8.12
N ALA B 122 -10.70 -2.17 -7.44
CA ALA B 122 -10.94 -0.79 -7.84
C ALA B 122 -10.36 -0.50 -9.22
N LEU B 123 -9.28 -1.17 -9.59
CA LEU B 123 -8.71 -0.96 -10.92
C LEU B 123 -9.65 -1.51 -11.99
N ARG B 124 -10.17 -2.72 -11.79
CA ARG B 124 -11.02 -3.38 -12.77
C ARG B 124 -12.48 -3.00 -12.64
N GLY B 125 -12.83 -2.14 -11.69
CA GLY B 125 -14.20 -1.69 -11.53
C GLY B 125 -15.14 -2.74 -11.00
N THR B 126 -14.69 -3.56 -10.04
CA THR B 126 -15.47 -4.66 -9.51
C THR B 126 -15.73 -4.54 -8.02
N GLY B 127 -15.62 -3.34 -7.46
CA GLY B 127 -15.79 -3.13 -6.04
C GLY B 127 -17.18 -2.66 -5.67
N VAL B 128 -17.57 -2.95 -4.43
CA VAL B 128 -18.77 -2.35 -3.84
C VAL B 128 -18.44 -1.05 -3.13
N TYR B 129 -17.39 -1.07 -2.32
CA TYR B 129 -17.01 0.08 -1.50
C TYR B 129 -15.95 0.95 -2.13
N GLN B 130 -14.92 0.35 -2.74
CA GLN B 130 -13.82 1.13 -3.31
C GLN B 130 -14.10 1.44 -4.77
N LYS B 131 -14.13 2.72 -5.10
CA LYS B 131 -14.28 3.19 -6.48
C LYS B 131 -13.06 3.99 -6.89
N SER B 132 -12.92 4.20 -8.19
CA SER B 132 -11.86 5.04 -8.73
C SER B 132 -12.40 5.85 -9.89
N SER B 133 -12.09 7.15 -9.89
CA SER B 133 -12.28 7.99 -11.05
C SER B 133 -10.97 8.31 -11.75
N LEU B 134 -9.87 7.75 -11.26
CA LEU B 134 -8.55 7.95 -11.86
C LEU B 134 -8.55 7.52 -13.32
N GLU B 135 -7.83 8.28 -14.15
CA GLU B 135 -7.68 7.93 -15.55
C GLU B 135 -6.71 6.76 -15.67
N ILE B 136 -7.19 5.63 -16.18
CA ILE B 136 -6.40 4.42 -16.30
C ILE B 136 -6.35 4.02 -17.78
N LYS B 137 -5.15 3.80 -18.28
CA LYS B 137 -4.95 3.34 -19.65
C LYS B 137 -4.17 2.04 -19.62
N LYS B 138 -4.77 0.97 -20.14
CA LYS B 138 -4.05 -0.28 -20.35
C LYS B 138 -3.38 -0.21 -21.70
N ALA B 139 -2.06 -0.35 -21.72
CA ALA B 139 -1.31 -0.17 -22.94
C ALA B 139 -1.72 -1.21 -23.98
N ASP B 140 -1.55 -0.85 -25.25
CA ASP B 140 -1.86 -1.73 -26.37
C ASP B 140 -0.63 -1.85 -27.25
N GLY B 141 -0.68 -2.83 -28.16
CA GLY B 141 0.31 -2.93 -29.22
C GLY B 141 1.70 -3.38 -28.83
N ASN B 142 2.71 -2.71 -29.41
CA ASN B 142 4.09 -3.13 -29.26
C ASN B 142 4.53 -3.08 -27.79
N GLY B 143 4.30 -1.93 -27.15
CA GLY B 143 4.69 -1.79 -25.75
C GLY B 143 3.99 -2.80 -24.87
N ALA B 144 2.72 -3.07 -25.15
CA ALA B 144 1.98 -4.05 -24.35
C ALA B 144 2.57 -5.44 -24.52
N ALA B 145 2.89 -5.83 -25.76
CA ALA B 145 3.47 -7.16 -25.99
C ALA B 145 4.82 -7.28 -25.28
N ILE B 146 5.65 -6.25 -25.40
CA ILE B 146 6.96 -6.26 -24.74
C ILE B 146 6.78 -6.39 -23.22
N ALA B 147 5.85 -5.61 -22.66
CA ALA B 147 5.60 -5.66 -21.22
C ALA B 147 5.11 -7.03 -20.79
N GLU B 148 4.24 -7.65 -21.58
CA GLU B 148 3.73 -8.98 -21.23
C GLU B 148 4.84 -10.02 -21.24
N GLN B 149 5.81 -9.89 -22.15
CA GLN B 149 6.87 -10.89 -22.25
C GLN B 149 7.85 -10.88 -21.08
N VAL B 150 7.81 -9.85 -20.23
CA VAL B 150 8.80 -9.71 -19.16
C VAL B 150 8.80 -10.93 -18.25
N PHE B 151 7.62 -11.48 -17.96
CA PHE B 151 7.53 -12.54 -16.97
C PHE B 151 8.04 -13.87 -17.51
N GLN B 152 7.68 -14.23 -18.74
CA GLN B 152 8.27 -15.41 -19.36
C GLN B 152 9.78 -15.24 -19.53
N ASN B 153 10.24 -14.02 -19.77
CA ASN B 153 11.67 -13.81 -20.01
C ASN B 153 12.51 -13.94 -18.74
N THR B 154 12.01 -13.44 -17.61
CA THR B 154 12.80 -13.36 -16.38
C THR B 154 12.43 -14.43 -15.37
N LYS B 155 11.74 -15.48 -15.79
CA LYS B 155 11.28 -16.51 -14.87
C LYS B 155 12.44 -17.13 -14.09
N GLU B 156 13.63 -17.16 -14.69
CA GLU B 156 14.75 -17.91 -14.16
C GLU B 156 15.67 -17.10 -13.24
N LYS B 157 15.66 -15.77 -13.35
CA LYS B 157 16.62 -14.92 -12.66
C LYS B 157 16.27 -14.63 -11.21
N PHE B 158 15.07 -14.98 -10.76
CA PHE B 158 14.64 -14.66 -9.40
C PHE B 158 13.68 -15.76 -8.93
N ARG B 159 13.30 -15.67 -7.65
CA ARG B 159 12.37 -16.62 -7.05
C ARG B 159 11.24 -15.88 -6.37
N LEU B 160 10.04 -16.44 -6.49
CA LEU B 160 8.81 -15.75 -6.12
C LEU B 160 8.82 -15.39 -4.64
N TYR B 161 8.05 -14.37 -4.31
CA TYR B 161 7.97 -13.86 -2.95
C TYR B 161 6.58 -13.29 -2.74
#